data_3O0P
#
_entry.id   3O0P
#
_cell.length_a   45.087
_cell.length_b   37.354
_cell.length_c   51.242
_cell.angle_alpha   90.00
_cell.angle_beta   96.68
_cell.angle_gamma   90.00
#
_symmetry.space_group_name_H-M   'P 1 21 1'
#
loop_
_entity.id
_entity.type
_entity.pdbx_description
1 polymer 'Sortase family protein'
2 water water
#
_entity_poly.entity_id   1
_entity_poly.type   'polypeptide(L)'
_entity_poly.pdbx_seq_one_letter_code
;GSFTESNNQTQDFERAAKKLSQKEINRRMALAQAYNDSLNNVHLEDPYEKKRIQKGIAEYARMLEVSEKIGIISVPKIGQ
KLPIFAGSSQEVLSKGAGHLEGTSLPIGGNSTHTVITAHSGIPDKELFSNLKKLKKGDKFYIQNIKETIAYQVDQIKVVT
PDNFSDLLVVPGHDYATLLTCTPIMVNTHRLLVRGHRIPYKGPIDEKLIKDGHLNT
;
_entity_poly.pdbx_strand_id   A
#
# COMPACT_ATOMS: atom_id res chain seq x y z
N GLN A 9 5.01 14.68 -5.24
CA GLN A 9 4.77 14.00 -6.51
C GLN A 9 3.37 13.40 -6.59
N THR A 10 2.39 14.13 -6.08
CA THR A 10 1.06 13.61 -5.85
C THR A 10 -0.05 14.54 -6.35
N GLN A 11 0.28 15.80 -6.60
CA GLN A 11 -0.70 16.79 -7.02
C GLN A 11 -1.32 16.44 -8.36
N ASP A 12 -0.54 15.83 -9.23
CA ASP A 12 -1.04 15.40 -10.52
C ASP A 12 -2.17 14.37 -10.37
N PHE A 13 -1.99 13.41 -9.45
CA PHE A 13 -3.04 12.42 -9.18
C PHE A 13 -4.32 13.12 -8.67
N GLU A 14 -4.17 14.01 -7.70
CA GLU A 14 -5.31 14.70 -7.18
C GLU A 14 -6.09 15.43 -8.27
N ARG A 15 -5.36 16.14 -9.12
CA ARG A 15 -5.98 16.94 -10.17
C ARG A 15 -6.73 16.02 -11.13
N ALA A 16 -6.10 14.93 -11.54
CA ALA A 16 -6.71 14.04 -12.50
C ALA A 16 -7.91 13.29 -11.91
N ALA A 17 -7.83 12.92 -10.62
CA ALA A 17 -8.95 12.21 -9.99
C ALA A 17 -10.17 13.12 -9.94
N LYS A 18 -9.95 14.41 -9.69
CA LYS A 18 -11.07 15.34 -9.57
C LYS A 18 -11.77 15.57 -10.91
N LYS A 19 -11.09 15.29 -12.02
CA LYS A 19 -11.70 15.43 -13.35
C LYS A 19 -12.55 14.28 -13.81
N LEU A 20 -12.51 13.16 -13.09
CA LEU A 20 -13.37 12.03 -13.45
C LEU A 20 -14.80 12.34 -13.05
N SER A 21 -15.74 11.96 -13.90
CA SER A 21 -17.15 12.13 -13.58
C SER A 21 -17.56 11.12 -12.50
N GLN A 22 -18.68 11.34 -11.84
CA GLN A 22 -19.15 10.38 -10.85
C GLN A 22 -19.50 9.04 -11.50
N LYS A 23 -20.07 9.04 -12.71
CA LYS A 23 -20.34 7.77 -13.39
C LYS A 23 -19.05 7.01 -13.65
N GLU A 24 -18.00 7.71 -14.04
CA GLU A 24 -16.73 7.06 -14.34
C GLU A 24 -16.05 6.54 -13.07
N ILE A 25 -16.10 7.31 -11.99
CA ILE A 25 -15.60 6.82 -10.72
C ILE A 25 -16.37 5.57 -10.33
N ASN A 26 -17.68 5.59 -10.47
CA ASN A 26 -18.46 4.41 -10.13
C ASN A 26 -18.10 3.20 -10.97
N ARG A 27 -17.88 3.41 -12.26
CA ARG A 27 -17.53 2.32 -13.15
C ARG A 27 -16.18 1.72 -12.73
N ARG A 28 -15.21 2.59 -12.50
CA ARG A 28 -13.88 2.14 -12.12
C ARG A 28 -13.88 1.45 -10.77
N MET A 29 -14.58 2.05 -9.80
CA MET A 29 -14.66 1.45 -8.48
C MET A 29 -15.38 0.12 -8.53
N ALA A 30 -16.33 -0.04 -9.45
CA ALA A 30 -16.99 -1.34 -9.62
C ALA A 30 -16.00 -2.37 -10.10
N LEU A 31 -15.15 -2.01 -11.07
CA LEU A 31 -14.13 -2.92 -11.53
C LEU A 31 -13.17 -3.29 -10.43
N ALA A 32 -12.82 -2.31 -9.59
CA ALA A 32 -11.89 -2.56 -8.48
C ALA A 32 -12.53 -3.49 -7.44
N GLN A 33 -13.81 -3.27 -7.13
CA GLN A 33 -14.53 -4.15 -6.21
C GLN A 33 -14.60 -5.58 -6.76
N ALA A 34 -14.95 -5.72 -8.04
CA ALA A 34 -15.01 -7.03 -8.65
C ALA A 34 -13.66 -7.73 -8.60
N TYR A 35 -12.59 -6.99 -8.88
CA TYR A 35 -11.23 -7.53 -8.79
C TYR A 35 -10.97 -8.01 -7.36
N ASN A 36 -11.30 -7.20 -6.36
CA ASN A 36 -11.07 -7.60 -4.97
C ASN A 36 -11.87 -8.84 -4.60
N ASP A 37 -13.10 -8.93 -5.06
CA ASP A 37 -13.92 -10.10 -4.76
C ASP A 37 -13.37 -11.37 -5.38
N SER A 38 -12.67 -11.25 -6.51
CA SER A 38 -12.10 -12.42 -7.19
C SER A 38 -10.60 -12.59 -6.89
N LEU A 39 -10.10 -11.85 -5.92
CA LEU A 39 -8.66 -11.81 -5.60
C LEU A 39 -8.13 -13.18 -5.34
N ASN A 40 -7.04 -13.55 -6.01
CA ASN A 40 -6.32 -14.77 -5.66
C ASN A 40 -4.93 -14.35 -5.22
N ASN A 41 -4.58 -14.69 -3.99
CA ASN A 41 -3.31 -14.28 -3.40
C ASN A 41 -2.12 -15.14 -3.85
N VAL A 42 -2.31 -15.99 -4.85
CA VAL A 42 -1.16 -16.64 -5.48
C VAL A 42 -0.15 -15.62 -6.08
N HIS A 43 -0.58 -14.38 -6.34
CA HIS A 43 0.32 -13.36 -6.92
C HIS A 43 1.35 -12.86 -5.91
N LEU A 44 1.30 -13.36 -4.68
CA LEU A 44 2.13 -12.81 -3.63
C LEU A 44 3.60 -13.20 -3.77
N GLU A 45 4.41 -12.18 -3.92
CA GLU A 45 5.84 -12.33 -4.01
C GLU A 45 6.48 -11.22 -3.20
N ASP A 46 7.61 -11.52 -2.59
CA ASP A 46 8.42 -10.55 -1.86
C ASP A 46 9.10 -9.54 -2.81
N PRO A 47 8.76 -8.24 -2.74
CA PRO A 47 9.38 -7.26 -3.64
C PRO A 47 10.85 -7.02 -3.40
N TYR A 48 11.37 -7.43 -2.25
CA TYR A 48 12.71 -7.02 -1.84
C TYR A 48 13.74 -8.13 -1.94
N GLU A 49 13.35 -9.27 -2.51
CA GLU A 49 14.29 -10.34 -2.80
C GLU A 49 15.31 -9.85 -3.81
N LYS A 50 16.59 -9.83 -3.41
CA LYS A 50 17.65 -9.22 -4.22
C LYS A 50 17.74 -9.81 -5.62
N LYS A 51 17.69 -11.12 -5.73
CA LYS A 51 17.86 -11.77 -7.03
C LYS A 51 16.52 -12.21 -7.62
N ARG A 52 15.46 -11.47 -7.30
CA ARG A 52 14.16 -11.70 -7.88
C ARG A 52 14.15 -11.34 -9.36
N ILE A 53 13.45 -12.14 -10.15
CA ILE A 53 13.14 -11.75 -11.53
C ILE A 53 12.01 -10.73 -11.49
N GLY A 56 7.43 -7.09 -14.96
CA GLY A 56 6.97 -6.24 -16.04
C GLY A 56 6.07 -5.10 -15.57
N ILE A 57 5.66 -4.24 -16.50
CA ILE A 57 4.74 -3.15 -16.23
C ILE A 57 3.42 -3.72 -15.66
N ALA A 58 2.94 -3.16 -14.57
CA ALA A 58 1.72 -3.65 -13.91
C ALA A 58 0.44 -3.22 -14.63
N GLU A 59 -0.43 -4.19 -14.94
CA GLU A 59 -1.68 -3.94 -15.66
C GLU A 59 -2.94 -4.20 -14.83
N TYR A 60 -2.80 -4.78 -13.64
CA TYR A 60 -3.95 -5.31 -12.91
C TYR A 60 -4.79 -4.25 -12.22
N ALA A 61 -4.26 -3.03 -12.07
CA ALA A 61 -4.98 -1.96 -11.36
C ALA A 61 -5.29 -0.77 -12.27
N ARG A 62 -5.36 -0.97 -13.58
CA ARG A 62 -5.56 0.14 -14.50
C ARG A 62 -6.85 0.89 -14.20
N MET A 63 -7.87 0.22 -13.70
CA MET A 63 -9.13 0.90 -13.40
C MET A 63 -8.96 2.00 -12.34
N LEU A 64 -7.96 1.86 -11.47
CA LEU A 64 -7.72 2.84 -10.41
C LEU A 64 -6.71 3.91 -10.79
N GLU A 65 -6.13 3.83 -11.98
CA GLU A 65 -5.04 4.69 -12.36
C GLU A 65 -5.49 5.98 -13.02
N VAL A 66 -4.96 7.09 -12.53
CA VAL A 66 -4.94 8.35 -13.26
C VAL A 66 -3.55 8.96 -13.02
N SER A 67 -3.03 9.64 -14.03
CA SER A 67 -1.68 10.18 -13.97
C SER A 67 -0.67 9.08 -13.56
N GLU A 68 -0.91 7.86 -14.03
CA GLU A 68 0.02 6.72 -13.86
C GLU A 68 0.02 6.11 -12.47
N LYS A 69 -0.79 6.65 -11.58
CA LYS A 69 -0.80 6.31 -10.17
C LYS A 69 -2.14 5.81 -9.72
N ILE A 70 -2.14 4.94 -8.71
CA ILE A 70 -3.41 4.49 -8.15
C ILE A 70 -3.81 5.11 -6.82
N GLY A 71 -2.96 5.97 -6.28
CA GLY A 71 -3.32 6.62 -5.05
C GLY A 71 -2.16 7.37 -4.45
N ILE A 72 -2.38 7.80 -3.23
CA ILE A 72 -1.40 8.53 -2.43
C ILE A 72 -1.42 7.93 -1.02
N ILE A 73 -0.24 7.62 -0.49
CA ILE A 73 -0.12 7.16 0.90
C ILE A 73 0.46 8.30 1.74
N SER A 74 -0.26 8.67 2.79
CA SER A 74 0.18 9.70 3.72
CA SER A 74 0.20 9.69 3.71
C SER A 74 0.44 9.08 5.08
N VAL A 75 1.61 9.34 5.62
CA VAL A 75 1.99 8.87 6.94
C VAL A 75 2.48 10.10 7.72
N PRO A 76 1.57 10.82 8.39
CA PRO A 76 1.96 12.14 8.94
C PRO A 76 3.11 12.13 9.95
N LYS A 77 3.20 11.05 10.73
CA LYS A 77 4.19 11.01 11.78
C LYS A 77 5.60 11.07 11.22
N ILE A 78 5.80 10.57 10.00
CA ILE A 78 7.12 10.58 9.39
C ILE A 78 7.17 11.53 8.19
N GLY A 79 6.15 12.38 8.08
CA GLY A 79 6.13 13.43 7.08
C GLY A 79 6.14 12.96 5.63
N GLN A 80 5.59 11.77 5.39
CA GLN A 80 5.54 11.23 4.04
C GLN A 80 4.18 11.33 3.40
N LYS A 81 4.19 11.78 2.15
CA LYS A 81 3.00 11.78 1.33
C LYS A 81 3.48 11.40 -0.06
N LEU A 82 3.30 10.13 -0.41
CA LEU A 82 3.93 9.52 -1.58
C LEU A 82 2.91 9.00 -2.57
N PRO A 83 3.24 9.09 -3.87
CA PRO A 83 2.41 8.39 -4.85
C PRO A 83 2.47 6.88 -4.68
N ILE A 84 1.34 6.23 -4.93
CA ILE A 84 1.26 4.78 -5.00
C ILE A 84 1.09 4.36 -6.45
N PHE A 85 1.98 3.50 -6.89
CA PHE A 85 1.92 2.91 -8.24
C PHE A 85 1.48 1.47 -8.12
N ALA A 86 0.83 0.96 -9.17
CA ALA A 86 0.51 -0.45 -9.23
C ALA A 86 1.77 -1.28 -9.26
N GLY A 87 1.73 -2.38 -8.54
CA GLY A 87 2.84 -3.31 -8.49
C GLY A 87 3.96 -2.83 -7.61
N SER A 88 5.02 -3.62 -7.57
CA SER A 88 6.13 -3.34 -6.68
C SER A 88 7.46 -3.59 -7.40
N SER A 89 7.51 -3.27 -8.69
CA SER A 89 8.75 -3.39 -9.46
C SER A 89 9.83 -2.45 -8.93
N GLN A 90 11.08 -2.74 -9.29
CA GLN A 90 12.17 -1.87 -8.89
C GLN A 90 11.95 -0.45 -9.42
N GLU A 91 11.41 -0.34 -10.63
CA GLU A 91 11.11 0.97 -11.21
C GLU A 91 10.16 1.76 -10.33
N VAL A 92 9.11 1.10 -9.87
CA VAL A 92 8.14 1.74 -9.00
C VAL A 92 8.78 2.10 -7.67
N LEU A 93 9.50 1.17 -7.06
CA LEU A 93 10.04 1.40 -5.72
C LEU A 93 11.16 2.44 -5.71
N SER A 94 11.70 2.74 -6.89
CA SER A 94 12.71 3.80 -6.98
C SER A 94 12.05 5.19 -6.95
N LYS A 95 10.75 5.26 -7.21
CA LYS A 95 10.09 6.55 -7.36
C LYS A 95 8.91 6.82 -6.41
N GLY A 96 8.56 5.85 -5.57
CA GLY A 96 7.44 6.05 -4.68
C GLY A 96 7.05 4.77 -4.01
N ALA A 97 5.78 4.68 -3.64
CA ALA A 97 5.25 3.48 -3.02
C ALA A 97 4.61 2.60 -4.07
N GLY A 98 4.59 1.29 -3.78
CA GLY A 98 3.93 0.33 -4.62
C GLY A 98 2.83 -0.37 -3.87
N HIS A 99 1.97 -1.01 -4.63
CA HIS A 99 0.92 -1.87 -4.09
C HIS A 99 1.32 -3.31 -4.36
N LEU A 100 1.18 -4.15 -3.33
CA LEU A 100 1.57 -5.54 -3.43
C LEU A 100 0.52 -6.37 -4.16
N GLU A 101 0.84 -6.81 -5.37
CA GLU A 101 -0.12 -7.58 -6.16
C GLU A 101 -0.39 -8.89 -5.43
N GLY A 102 -1.65 -9.28 -5.40
CA GLY A 102 -2.08 -10.37 -4.57
C GLY A 102 -2.81 -9.96 -3.31
N THR A 103 -2.77 -8.65 -3.00
CA THR A 103 -3.51 -8.09 -1.88
C THR A 103 -4.64 -7.19 -2.43
N SER A 104 -5.61 -6.90 -1.58
CA SER A 104 -6.74 -6.12 -2.01
C SER A 104 -6.28 -4.77 -2.55
N LEU A 105 -6.94 -4.29 -3.58
CA LEU A 105 -6.74 -2.92 -4.04
C LEU A 105 -7.20 -1.97 -2.94
N PRO A 106 -6.56 -0.79 -2.85
CA PRO A 106 -6.75 0.09 -1.70
C PRO A 106 -8.02 0.95 -1.78
N ILE A 107 -9.15 0.27 -1.65
CA ILE A 107 -10.45 0.93 -1.69
C ILE A 107 -11.29 0.62 -0.45
N GLY A 108 -10.74 -0.17 0.47
CA GLY A 108 -11.45 -0.53 1.67
C GLY A 108 -12.60 -1.47 1.39
N GLY A 109 -13.34 -1.76 2.45
CA GLY A 109 -14.49 -2.64 2.40
C GLY A 109 -14.35 -3.80 3.37
N ASN A 110 -15.45 -4.46 3.68
CA ASN A 110 -15.38 -5.62 4.53
C ASN A 110 -14.52 -6.69 3.90
N SER A 111 -13.79 -7.40 4.73
CA SER A 111 -12.91 -8.48 4.27
C SER A 111 -11.97 -8.02 3.17
N THR A 112 -11.25 -6.94 3.43
CA THR A 112 -10.20 -6.46 2.54
C THR A 112 -8.93 -6.24 3.34
N HIS A 113 -7.80 -6.44 2.68
CA HIS A 113 -6.51 -6.15 3.29
C HIS A 113 -5.56 -5.73 2.19
N THR A 114 -5.31 -4.42 2.11
CA THR A 114 -4.41 -3.88 1.09
C THR A 114 -3.03 -3.73 1.70
N VAL A 115 -1.98 -3.94 0.89
CA VAL A 115 -0.61 -3.78 1.35
C VAL A 115 0.11 -2.79 0.44
N ILE A 116 0.64 -1.75 1.06
CA ILE A 116 1.39 -0.68 0.39
C ILE A 116 2.83 -0.77 0.87
N THR A 117 3.78 -0.67 -0.05
CA THR A 117 5.16 -0.92 0.29
C THR A 117 6.09 0.16 -0.28
N ALA A 118 7.17 0.43 0.44
CA ALA A 118 8.21 1.31 -0.07
C ALA A 118 9.51 0.98 0.63
N HIS A 119 10.60 1.32 -0.03
CA HIS A 119 11.92 0.93 0.44
C HIS A 119 12.33 1.71 1.70
N SER A 120 13.10 1.03 2.54
CA SER A 120 13.70 1.67 3.73
C SER A 120 15.19 1.91 3.58
N GLY A 121 15.79 1.35 2.54
CA GLY A 121 17.24 1.31 2.44
C GLY A 121 17.81 1.85 1.12
N ILE A 122 17.14 2.82 0.53
CA ILE A 122 17.70 3.51 -0.63
C ILE A 122 18.36 4.79 -0.13
N PRO A 123 19.69 4.88 -0.26
CA PRO A 123 20.37 6.09 0.23
C PRO A 123 19.77 7.33 -0.43
N ASP A 124 19.58 8.40 0.33
CA ASP A 124 19.17 9.67 -0.23
C ASP A 124 17.68 9.78 -0.62
N LYS A 125 16.89 8.73 -0.36
CA LYS A 125 15.44 8.81 -0.57
C LYS A 125 14.75 8.33 0.71
N GLU A 126 13.94 9.19 1.32
CA GLU A 126 13.36 8.87 2.63
C GLU A 126 12.38 7.69 2.52
N LEU A 127 11.36 7.81 1.69
CA LEU A 127 10.43 6.71 1.46
C LEU A 127 9.97 6.13 2.82
N PHE A 128 10.12 4.82 3.06
CA PHE A 128 9.71 4.22 4.33
C PHE A 128 10.91 3.97 5.27
N SER A 129 11.99 4.74 5.12
CA SER A 129 13.15 4.62 6.00
C SER A 129 12.79 4.74 7.47
N ASN A 130 11.76 5.53 7.78
CA ASN A 130 11.37 5.75 9.16
C ASN A 130 10.08 5.08 9.56
N LEU A 131 9.66 4.07 8.80
CA LEU A 131 8.42 3.33 9.11
C LEU A 131 8.45 2.71 10.51
N LYS A 132 9.64 2.38 10.99
CA LYS A 132 9.74 1.75 12.30
C LYS A 132 9.44 2.70 13.46
N LYS A 133 9.29 3.98 13.18
CA LYS A 133 8.88 4.93 14.21
C LYS A 133 7.37 4.85 14.49
N LEU A 134 6.60 4.19 13.62
CA LEU A 134 5.17 4.07 13.87
C LEU A 134 4.86 3.19 15.06
N LYS A 135 3.81 3.58 15.79
CA LYS A 135 3.39 2.89 17.01
C LYS A 135 1.88 2.66 16.94
N LYS A 136 1.37 1.71 17.71
CA LYS A 136 -0.06 1.54 17.83
C LYS A 136 -0.73 2.87 18.16
N GLY A 137 -1.84 3.17 17.48
CA GLY A 137 -2.55 4.41 17.67
C GLY A 137 -2.21 5.43 16.62
N ASP A 138 -1.04 5.31 15.98
CA ASP A 138 -0.71 6.24 14.92
C ASP A 138 -1.59 5.95 13.70
N LYS A 139 -1.69 6.91 12.80
CA LYS A 139 -2.61 6.80 11.68
C LYS A 139 -1.91 6.99 10.34
N PHE A 140 -2.52 6.44 9.31
CA PHE A 140 -2.09 6.68 7.95
C PHE A 140 -3.30 6.69 7.06
N TYR A 141 -3.13 7.28 5.90
CA TYR A 141 -4.23 7.60 5.01
CA TYR A 141 -4.25 7.58 5.00
C TYR A 141 -3.91 7.19 3.58
N ILE A 142 -4.88 6.64 2.88
CA ILE A 142 -4.72 6.33 1.46
C ILE A 142 -5.79 7.09 0.69
N GLN A 143 -5.36 7.89 -0.28
CA GLN A 143 -6.30 8.54 -1.17
C GLN A 143 -6.32 7.78 -2.47
N ASN A 144 -7.52 7.41 -2.90
CA ASN A 144 -7.72 6.80 -4.22
C ASN A 144 -8.57 7.75 -5.07
N ILE A 145 -8.99 7.31 -6.25
CA ILE A 145 -9.69 8.21 -7.15
C ILE A 145 -11.00 8.70 -6.56
N LYS A 146 -11.59 7.96 -5.61
CA LYS A 146 -12.87 8.35 -5.04
C LYS A 146 -12.75 9.17 -3.76
N GLU A 147 -11.88 8.76 -2.85
CA GLU A 147 -11.94 9.33 -1.49
C GLU A 147 -10.64 8.98 -0.76
N THR A 148 -10.50 9.53 0.45
CA THR A 148 -9.41 9.20 1.33
C THR A 148 -9.93 8.29 2.42
N ILE A 149 -9.23 7.18 2.64
CA ILE A 149 -9.56 6.22 3.68
C ILE A 149 -8.43 6.18 4.71
N ALA A 150 -8.79 6.01 5.97
CA ALA A 150 -7.87 6.14 7.11
C ALA A 150 -7.77 4.83 7.87
N TYR A 151 -6.57 4.59 8.41
CA TYR A 151 -6.27 3.38 9.14
C TYR A 151 -5.52 3.77 10.41
N GLN A 152 -5.76 3.01 11.48
CA GLN A 152 -5.09 3.24 12.75
C GLN A 152 -4.29 2.01 13.13
N VAL A 153 -2.99 2.22 13.33
CA VAL A 153 -2.06 1.12 13.58
C VAL A 153 -2.50 0.31 14.79
N ASP A 154 -2.54 -1.00 14.62
CA ASP A 154 -2.92 -1.90 15.71
C ASP A 154 -2.03 -3.15 15.83
N GLN A 155 -1.01 -3.28 15.00
CA GLN A 155 -0.10 -4.42 15.09
C GLN A 155 1.16 -4.09 14.33
N ILE A 156 2.32 -4.38 14.91
CA ILE A 156 3.58 -4.21 14.24
C ILE A 156 4.36 -5.49 14.40
N LYS A 157 4.74 -6.09 13.27
CA LYS A 157 5.41 -7.38 13.28
C LYS A 157 6.60 -7.36 12.34
N VAL A 158 7.65 -8.09 12.73
CA VAL A 158 8.80 -8.31 11.87
C VAL A 158 8.79 -9.79 11.54
N VAL A 159 8.80 -10.11 10.24
CA VAL A 159 8.64 -11.48 9.76
C VAL A 159 9.73 -11.81 8.72
N THR A 160 9.87 -13.09 8.43
CA THR A 160 10.79 -13.52 7.39
C THR A 160 10.17 -13.31 6.01
N PRO A 161 11.01 -13.19 4.97
CA PRO A 161 10.47 -12.80 3.67
C PRO A 161 9.55 -13.82 3.03
N ASP A 162 9.58 -15.06 3.51
CA ASP A 162 8.69 -16.10 2.99
C ASP A 162 7.45 -16.34 3.86
N ASN A 163 7.17 -15.44 4.79
CA ASN A 163 6.00 -15.55 5.64
C ASN A 163 4.95 -14.50 5.26
N PHE A 164 3.93 -14.93 4.50
CA PHE A 164 2.90 -14.03 4.03
C PHE A 164 1.66 -14.03 4.91
N SER A 165 1.67 -14.78 6.02
CA SER A 165 0.47 -14.97 6.84
C SER A 165 -0.21 -13.69 7.26
N ASP A 166 0.58 -12.67 7.58
CA ASP A 166 0.03 -11.44 8.14
C ASP A 166 -0.37 -10.43 7.10
N LEU A 167 -0.24 -10.82 5.82
CA LEU A 167 -0.66 -9.97 4.71
C LEU A 167 -1.95 -10.42 4.07
N LEU A 168 -2.51 -11.54 4.52
CA LEU A 168 -3.68 -12.12 3.88
C LEU A 168 -4.94 -11.43 4.37
N VAL A 169 -6.00 -11.58 3.59
CA VAL A 169 -7.27 -11.03 3.95
C VAL A 169 -7.76 -11.70 5.24
N VAL A 170 -8.24 -10.88 6.16
CA VAL A 170 -8.88 -11.34 7.38
C VAL A 170 -10.38 -11.11 7.25
N PRO A 171 -11.15 -12.19 7.21
CA PRO A 171 -12.61 -12.03 7.07
C PRO A 171 -13.19 -11.05 8.09
N GLY A 172 -14.11 -10.22 7.65
CA GLY A 172 -14.84 -9.35 8.54
C GLY A 172 -14.05 -8.15 9.01
N HIS A 173 -12.89 -7.91 8.40
CA HIS A 173 -12.07 -6.76 8.76
C HIS A 173 -11.66 -6.00 7.52
N ASP A 174 -11.34 -4.71 7.71
CA ASP A 174 -10.83 -3.82 6.68
C ASP A 174 -9.48 -3.34 7.20
N TYR A 175 -8.41 -3.93 6.68
CA TYR A 175 -7.05 -3.70 7.13
C TYR A 175 -6.18 -3.11 6.01
N ALA A 176 -5.14 -2.41 6.42
CA ALA A 176 -4.09 -1.99 5.51
C ALA A 176 -2.77 -2.21 6.21
N THR A 177 -1.78 -2.72 5.50
CA THR A 177 -0.45 -2.88 6.04
C THR A 177 0.55 -2.11 5.21
N LEU A 178 1.44 -1.42 5.90
CA LEU A 178 2.61 -0.78 5.31
C LEU A 178 3.80 -1.70 5.51
N LEU A 179 4.47 -2.03 4.41
CA LEU A 179 5.49 -3.05 4.33
C LEU A 179 6.83 -2.49 3.91
N THR A 180 7.89 -2.79 4.64
CA THR A 180 9.21 -2.42 4.18
C THR A 180 10.24 -3.47 4.62
N CYS A 181 11.50 -3.28 4.25
CA CYS A 181 12.54 -4.19 4.67
CA CYS A 181 12.59 -4.15 4.66
C CYS A 181 13.25 -3.73 5.95
N THR A 182 13.80 -4.70 6.67
CA THR A 182 14.45 -4.43 7.94
C THR A 182 15.41 -5.57 8.23
N PRO A 183 16.47 -5.32 8.98
CA PRO A 183 17.02 -4.04 9.45
C PRO A 183 17.46 -3.19 8.27
N ILE A 184 17.56 -1.90 8.50
CA ILE A 184 17.93 -0.98 7.44
C ILE A 184 19.27 -1.40 6.84
N MET A 185 19.30 -1.50 5.50
CA MET A 185 20.48 -1.87 4.71
C MET A 185 20.87 -3.35 4.82
N VAL A 186 20.17 -4.10 5.65
CA VAL A 186 20.51 -5.51 5.88
C VAL A 186 19.43 -6.38 5.23
N ASN A 187 18.17 -6.09 5.52
CA ASN A 187 17.06 -6.57 4.69
C ASN A 187 16.86 -8.08 4.74
N THR A 188 17.15 -8.69 5.88
CA THR A 188 16.87 -10.11 6.05
C THR A 188 15.38 -10.37 6.38
N HIS A 189 14.69 -9.31 6.81
CA HIS A 189 13.34 -9.43 7.34
C HIS A 189 12.44 -8.34 6.77
N ARG A 190 11.17 -8.44 7.10
CA ARG A 190 10.17 -7.50 6.60
C ARG A 190 9.40 -6.95 7.79
N LEU A 191 9.23 -5.63 7.78
CA LEU A 191 8.47 -4.93 8.80
C LEU A 191 7.08 -4.68 8.26
N LEU A 192 6.08 -5.09 9.05
CA LEU A 192 4.67 -5.00 8.69
C LEU A 192 3.93 -4.18 9.73
N VAL A 193 3.51 -2.98 9.36
CA VAL A 193 2.74 -2.10 10.21
C VAL A 193 1.28 -2.14 9.75
N ARG A 194 0.42 -2.79 10.52
CA ARG A 194 -0.97 -2.97 10.18
C ARG A 194 -1.84 -1.99 10.92
N GLY A 195 -2.81 -1.42 10.20
CA GLY A 195 -3.86 -0.62 10.81
C GLY A 195 -5.24 -1.09 10.38
N HIS A 196 -6.23 -0.77 11.19
CA HIS A 196 -7.63 -1.06 10.86
C HIS A 196 -8.37 0.19 10.48
N ARG A 197 -9.39 0.02 9.68
CA ARG A 197 -10.13 1.14 9.15
C ARG A 197 -10.76 1.97 10.26
N ILE A 198 -10.62 3.29 10.15
CA ILE A 198 -11.23 4.24 11.06
C ILE A 198 -11.79 5.42 10.27
N PRO A 199 -12.73 6.17 10.85
CA PRO A 199 -13.22 7.35 10.13
C PRO A 199 -12.09 8.31 9.75
N TYR A 200 -12.17 8.87 8.54
CA TYR A 200 -11.23 9.87 8.11
C TYR A 200 -11.73 11.25 8.54
N LYS A 201 -10.89 11.94 9.31
CA LYS A 201 -11.19 13.24 9.86
C LYS A 201 -10.16 14.26 9.37
N GLY A 212 9.08 -10.96 15.25
CA GLY A 212 7.70 -11.17 15.66
C GLY A 212 7.02 -9.87 16.01
N HIS A 213 6.05 -9.95 16.91
CA HIS A 213 5.41 -8.74 17.44
C HIS A 213 6.40 -7.78 18.10
N LEU A 214 6.35 -6.49 17.77
CA LEU A 214 7.16 -5.47 18.43
C LEU A 214 6.32 -4.64 19.40
#